data_1XGK
#
_entry.id   1XGK
#
_cell.length_a   76.610
_cell.length_b   76.610
_cell.length_c   103.820
_cell.angle_alpha   90.00
_cell.angle_beta   90.00
_cell.angle_gamma   120.00
#
_symmetry.space_group_name_H-M   'P 32 2 1'
#
loop_
_entity.id
_entity.type
_entity.pdbx_description
1 polymer 'NITROGEN METABOLITE REPRESSION REGULATOR NMRA'
2 non-polymer 'PHOSPHATE ION'
3 non-polymer 'POTASSIUM ION'
4 non-polymer 'CHLORIDE ION'
5 non-polymer GLYCEROL
6 water water
#
_entity_poly.entity_id   1
_entity_poly.type   'polypeptide(L)'
_entity_poly.pdbx_seq_one_letter_code
;MAQQKKTIAVVGATGRQGASLIRVAAAVGHHVRAQVHSLKGLIAEELQAIPNVTLFQGPLLNNVPLMDTLFEGAHLAFIN
TTSQAGDEIAIGKDLADAAKRAGTIQHYIYSSMPDHSLYGPWPAVPMWAPKFTVENYVRQLGLPSTFVYAGIYNNNFTSL
PYPLFQMELMPDGTFEWHAPFDPDIPLPWLDAEHDVGPALLQIFKDGPQKWNGHRIALTFETLSPVQVCAAFSRALNRRV
TYVQVPKVEIKVNIPVGYREQLEAIEVVFGEHKAPYFPLPEFSRPAAGSPKGLGPANGKGAGAGMMQGPGGVISQRVTDE
ARKLWSGWRDMEEYAREVFPIEEEANGLDWML
;
_entity_poly.pdbx_strand_id   A
#
loop_
_chem_comp.id
_chem_comp.type
_chem_comp.name
_chem_comp.formula
CL non-polymer 'CHLORIDE ION' 'Cl -1'
GOL non-polymer GLYCEROL 'C3 H8 O3'
K non-polymer 'POTASSIUM ION' 'K 1'
PO4 non-polymer 'PHOSPHATE ION' 'O4 P -3'
#
# COMPACT_ATOMS: atom_id res chain seq x y z
N GLN A 3 -16.37 0.58 -24.53
CA GLN A 3 -15.60 1.84 -24.74
C GLN A 3 -14.11 1.55 -24.71
N GLN A 4 -13.34 2.36 -25.43
CA GLN A 4 -11.90 2.20 -25.50
C GLN A 4 -11.25 2.34 -24.10
N LYS A 5 -10.47 1.34 -23.68
CA LYS A 5 -9.81 1.41 -22.36
C LYS A 5 -8.88 2.62 -22.32
N LYS A 6 -9.02 3.43 -21.28
CA LYS A 6 -8.23 4.65 -21.13
C LYS A 6 -6.83 4.43 -20.63
N THR A 7 -5.93 5.32 -21.04
CA THR A 7 -4.53 5.26 -20.66
C THR A 7 -4.36 5.74 -19.22
N ILE A 8 -3.60 4.98 -18.44
CA ILE A 8 -3.38 5.32 -17.06
C ILE A 8 -1.93 5.75 -16.84
N ALA A 9 -1.75 6.89 -16.16
CA ALA A 9 -0.41 7.40 -15.81
C ALA A 9 -0.17 6.86 -14.41
N VAL A 10 1.02 6.30 -14.19
CA VAL A 10 1.32 5.74 -12.90
C VAL A 10 2.66 6.19 -12.35
N VAL A 11 2.66 6.56 -11.09
CA VAL A 11 3.89 6.92 -10.40
C VAL A 11 3.87 5.87 -9.30
N GLY A 12 5.00 5.22 -9.11
CA GLY A 12 5.09 4.16 -8.11
C GLY A 12 4.93 2.82 -8.79
N ALA A 13 5.26 2.78 -10.08
CA ALA A 13 5.16 1.60 -10.93
C ALA A 13 5.86 0.34 -10.44
N THR A 14 7.06 0.47 -9.88
CA THR A 14 7.78 -0.71 -9.40
C THR A 14 7.43 -1.06 -7.96
N GLY A 15 6.62 -0.21 -7.31
CA GLY A 15 6.20 -0.47 -5.95
C GLY A 15 5.08 -1.50 -6.00
N ARG A 16 4.72 -2.08 -4.86
CA ARG A 16 3.70 -3.11 -4.84
C ARG A 16 2.32 -2.70 -5.34
N GLN A 17 1.89 -1.48 -5.02
CA GLN A 17 0.57 -1.02 -5.47
C GLN A 17 0.59 -0.74 -6.97
N GLY A 18 1.58 0.00 -7.43
CA GLY A 18 1.67 0.33 -8.84
C GLY A 18 1.84 -0.88 -9.73
N ALA A 19 2.73 -1.79 -9.35
CA ALA A 19 2.98 -2.99 -10.15
C ALA A 19 1.70 -3.81 -10.25
N SER A 20 0.99 -3.98 -9.14
CA SER A 20 -0.25 -4.75 -9.13
C SER A 20 -1.25 -4.16 -10.13
N LEU A 21 -1.45 -2.85 -10.07
CA LEU A 21 -2.37 -2.19 -10.98
C LEU A 21 -1.91 -2.35 -12.44
N ILE A 22 -0.64 -2.05 -12.69
CA ILE A 22 -0.14 -2.13 -14.05
C ILE A 22 -0.32 -3.49 -14.71
N ARG A 23 0.00 -4.56 -14.01
CA ARG A 23 -0.16 -5.89 -14.61
C ARG A 23 -1.60 -6.16 -15.04
N VAL A 24 -2.55 -6.00 -14.12
CA VAL A 24 -3.93 -6.28 -14.46
C VAL A 24 -4.50 -5.27 -15.46
N ALA A 25 -4.13 -3.99 -15.31
CA ALA A 25 -4.62 -2.95 -16.22
C ALA A 25 -4.21 -3.25 -17.66
N ALA A 26 -2.95 -3.60 -17.88
CA ALA A 26 -2.47 -3.92 -19.22
C ALA A 26 -3.20 -5.13 -19.80
N ALA A 27 -3.37 -6.15 -18.97
CA ALA A 27 -4.04 -7.37 -19.40
C ALA A 27 -5.49 -7.13 -19.88
N VAL A 28 -6.16 -6.11 -19.36
CA VAL A 28 -7.53 -5.82 -19.77
C VAL A 28 -7.61 -4.73 -20.85
N GLY A 29 -6.46 -4.34 -21.39
CA GLY A 29 -6.48 -3.37 -22.48
C GLY A 29 -6.03 -1.94 -22.25
N HIS A 30 -5.72 -1.59 -21.01
CA HIS A 30 -5.28 -0.23 -20.73
C HIS A 30 -3.86 -0.02 -21.20
N HIS A 31 -3.58 1.16 -21.76
CA HIS A 31 -2.21 1.50 -22.11
C HIS A 31 -1.76 2.19 -20.82
N VAL A 32 -0.49 2.03 -20.48
CA VAL A 32 0.05 2.58 -19.25
C VAL A 32 1.30 3.39 -19.54
N ARG A 33 1.40 4.54 -18.89
CA ARG A 33 2.56 5.42 -18.98
C ARG A 33 3.08 5.44 -17.53
N ALA A 34 4.24 4.85 -17.29
CA ALA A 34 4.75 4.80 -15.93
C ALA A 34 6.15 5.37 -15.73
N GLN A 35 6.30 6.17 -14.70
CA GLN A 35 7.59 6.74 -14.37
C GLN A 35 8.37 5.75 -13.50
N VAL A 36 9.67 5.63 -13.76
CA VAL A 36 10.52 4.74 -12.96
C VAL A 36 11.83 5.48 -12.76
N HIS A 37 12.50 5.22 -11.65
CA HIS A 37 13.78 5.88 -11.39
C HIS A 37 14.77 5.42 -12.45
N SER A 38 14.78 4.11 -12.72
CA SER A 38 15.67 3.54 -13.72
C SER A 38 15.02 2.33 -14.38
N LEU A 39 15.40 2.06 -15.63
CA LEU A 39 14.85 0.95 -16.36
C LEU A 39 15.36 -0.41 -15.88
N LYS A 40 16.42 -0.42 -15.07
CA LYS A 40 16.98 -1.66 -14.53
C LYS A 40 16.16 -2.14 -13.34
N GLY A 41 16.25 -3.42 -13.01
CA GLY A 41 15.49 -3.95 -11.89
C GLY A 41 14.52 -4.98 -12.39
N LEU A 42 14.27 -6.01 -11.58
CA LEU A 42 13.36 -7.07 -11.98
C LEU A 42 11.97 -6.56 -12.36
N ILE A 43 11.41 -5.70 -11.52
CA ILE A 43 10.08 -5.17 -11.78
C ILE A 43 10.06 -4.28 -13.02
N ALA A 44 10.97 -3.31 -13.08
CA ALA A 44 11.03 -2.41 -14.22
C ALA A 44 11.18 -3.22 -15.52
N GLU A 45 12.12 -4.16 -15.54
CA GLU A 45 12.34 -4.97 -16.73
C GLU A 45 11.12 -5.82 -17.06
N GLU A 46 10.42 -6.27 -16.02
CA GLU A 46 9.23 -7.08 -16.20
C GLU A 46 8.13 -6.21 -16.83
N LEU A 47 7.90 -5.03 -16.26
CA LEU A 47 6.86 -4.15 -16.77
C LEU A 47 7.15 -3.64 -18.18
N GLN A 48 8.42 -3.37 -18.45
CA GLN A 48 8.84 -2.87 -19.76
C GLN A 48 8.48 -3.88 -20.85
N ALA A 49 8.47 -5.17 -20.49
CA ALA A 49 8.17 -6.24 -21.43
C ALA A 49 6.67 -6.43 -21.72
N ILE A 50 5.81 -5.71 -20.98
CA ILE A 50 4.37 -5.80 -21.21
C ILE A 50 4.09 -4.83 -22.34
N PRO A 51 3.60 -5.34 -23.48
CA PRO A 51 3.30 -4.50 -24.64
C PRO A 51 2.63 -3.14 -24.37
N ASN A 52 1.51 -3.16 -23.65
CA ASN A 52 0.76 -1.93 -23.36
C ASN A 52 1.39 -0.95 -22.39
N VAL A 53 2.56 -1.30 -21.87
CA VAL A 53 3.26 -0.44 -20.90
C VAL A 53 4.44 0.33 -21.51
N THR A 54 4.52 1.62 -21.19
CA THR A 54 5.63 2.43 -21.65
C THR A 54 6.23 3.08 -20.40
N LEU A 55 7.52 2.89 -20.21
CA LEU A 55 8.22 3.44 -19.06
C LEU A 55 8.97 4.72 -19.43
N PHE A 56 9.04 5.64 -18.47
CA PHE A 56 9.73 6.91 -18.63
C PHE A 56 10.68 7.02 -17.42
N GLN A 57 11.96 6.84 -17.68
CA GLN A 57 12.95 6.87 -16.61
C GLN A 57 13.47 8.25 -16.25
N GLY A 58 13.78 8.42 -14.98
CA GLY A 58 14.28 9.70 -14.51
C GLY A 58 13.70 10.02 -13.15
N PRO A 59 14.32 10.96 -12.41
CA PRO A 59 13.82 11.33 -11.09
C PRO A 59 12.65 12.31 -11.20
N LEU A 60 11.71 12.23 -10.25
CA LEU A 60 10.57 13.13 -10.24
C LEU A 60 10.91 14.42 -9.52
N LEU A 61 11.79 14.34 -8.54
CA LEU A 61 12.20 15.51 -7.77
C LEU A 61 12.66 16.63 -8.70
N ASN A 62 11.91 17.73 -8.70
CA ASN A 62 12.24 18.90 -9.53
C ASN A 62 12.38 18.53 -11.00
N ASN A 63 11.45 17.74 -11.50
CA ASN A 63 11.49 17.34 -12.89
C ASN A 63 10.07 17.41 -13.45
N VAL A 64 9.51 18.62 -13.44
CA VAL A 64 8.17 18.85 -13.95
C VAL A 64 8.03 18.36 -15.39
N PRO A 65 9.10 18.52 -16.21
CA PRO A 65 9.03 18.07 -17.59
C PRO A 65 8.70 16.57 -17.73
N LEU A 66 9.27 15.76 -16.84
CA LEU A 66 9.01 14.32 -16.85
C LEU A 66 7.57 14.06 -16.45
N MET A 67 7.04 14.91 -15.58
CA MET A 67 5.67 14.77 -15.13
C MET A 67 4.73 15.14 -16.28
N ASP A 68 5.05 16.20 -17.02
CA ASP A 68 4.24 16.61 -18.14
C ASP A 68 4.19 15.47 -19.17
N THR A 69 5.36 14.92 -19.47
CA THR A 69 5.46 13.80 -20.42
C THR A 69 4.62 12.61 -19.94
N LEU A 70 4.71 12.29 -18.65
CA LEU A 70 3.97 11.18 -18.10
C LEU A 70 2.46 11.28 -18.36
N PHE A 71 1.90 12.44 -18.04
CA PHE A 71 0.46 12.67 -18.19
C PHE A 71 -0.04 12.93 -19.59
N GLU A 72 0.87 13.07 -20.54
CA GLU A 72 0.49 13.35 -21.92
C GLU A 72 -0.35 12.22 -22.51
N GLY A 73 -1.59 12.53 -22.90
CA GLY A 73 -2.45 11.53 -23.48
C GLY A 73 -3.10 10.59 -22.47
N ALA A 74 -2.86 10.80 -21.18
CA ALA A 74 -3.45 9.95 -20.15
C ALA A 74 -4.82 10.48 -19.75
N HIS A 75 -5.73 9.58 -19.37
CA HIS A 75 -7.08 9.98 -18.93
C HIS A 75 -7.34 9.58 -17.47
N LEU A 76 -6.51 8.68 -16.96
CA LEU A 76 -6.62 8.19 -15.58
C LEU A 76 -5.24 8.23 -14.93
N ALA A 77 -5.20 8.34 -13.60
CA ALA A 77 -3.92 8.38 -12.94
C ALA A 77 -3.96 7.69 -11.59
N PHE A 78 -2.91 6.97 -11.26
CA PHE A 78 -2.78 6.35 -9.96
C PHE A 78 -1.43 6.80 -9.48
N ILE A 79 -1.43 7.49 -8.34
CA ILE A 79 -0.21 8.06 -7.79
C ILE A 79 0.11 7.58 -6.37
N ASN A 80 1.27 6.95 -6.22
CA ASN A 80 1.76 6.48 -4.93
C ASN A 80 3.19 6.97 -4.85
N THR A 81 3.45 7.96 -3.99
CA THR A 81 4.79 8.52 -3.87
C THR A 81 5.59 7.88 -2.74
N THR A 82 6.84 8.31 -2.60
CA THR A 82 7.68 7.79 -1.54
C THR A 82 8.59 8.90 -1.00
N SER A 83 8.94 8.78 0.29
CA SER A 83 9.76 9.77 0.97
C SER A 83 11.26 9.61 0.73
N GLN A 84 11.66 8.47 0.16
CA GLN A 84 13.06 8.14 -0.11
C GLN A 84 13.91 9.30 -0.67
N ALA A 85 13.43 9.93 -1.74
CA ALA A 85 14.14 11.03 -2.36
C ALA A 85 13.90 12.33 -1.58
N GLY A 86 13.00 12.27 -0.60
CA GLY A 86 12.69 13.45 0.17
C GLY A 86 11.79 14.32 -0.68
N ASP A 87 11.20 15.35 -0.08
CA ASP A 87 10.32 16.25 -0.81
C ASP A 87 9.09 15.54 -1.36
N GLU A 88 8.57 14.58 -0.62
CA GLU A 88 7.38 13.85 -1.07
C GLU A 88 6.18 14.79 -1.22
N ILE A 89 6.10 15.81 -0.37
CA ILE A 89 4.98 16.76 -0.43
C ILE A 89 5.07 17.62 -1.68
N ALA A 90 6.28 18.06 -2.01
CA ALA A 90 6.49 18.90 -3.19
C ALA A 90 6.26 18.10 -4.47
N ILE A 91 6.71 16.84 -4.47
CA ILE A 91 6.53 15.98 -5.63
C ILE A 91 5.03 15.71 -5.81
N GLY A 92 4.33 15.46 -4.71
CA GLY A 92 2.90 15.18 -4.77
C GLY A 92 2.10 16.35 -5.33
N LYS A 93 2.47 17.57 -4.95
CA LYS A 93 1.77 18.76 -5.44
C LYS A 93 2.14 18.98 -6.89
N ASP A 94 3.42 18.83 -7.21
CA ASP A 94 3.89 19.00 -8.58
C ASP A 94 3.16 18.05 -9.53
N LEU A 95 2.99 16.79 -9.11
CA LEU A 95 2.30 15.80 -9.94
C LEU A 95 0.84 16.19 -10.12
N ALA A 96 0.19 16.59 -9.03
CA ALA A 96 -1.21 16.98 -9.09
C ALA A 96 -1.39 18.15 -10.06
N ASP A 97 -0.55 19.18 -9.95
CA ASP A 97 -0.62 20.32 -10.85
C ASP A 97 -0.40 19.88 -12.29
N ALA A 98 0.56 18.97 -12.49
CA ALA A 98 0.87 18.46 -13.83
C ALA A 98 -0.33 17.73 -14.44
N ALA A 99 -1.05 16.95 -13.63
CA ALA A 99 -2.22 16.22 -14.11
C ALA A 99 -3.30 17.21 -14.50
N LYS A 100 -3.45 18.26 -13.69
CA LYS A 100 -4.46 19.27 -13.96
C LYS A 100 -4.11 19.97 -15.27
N ARG A 101 -2.85 20.37 -15.43
CA ARG A 101 -2.40 21.06 -16.64
C ARG A 101 -2.64 20.24 -17.89
N ALA A 102 -2.51 18.92 -17.78
CA ALA A 102 -2.72 18.04 -18.91
C ALA A 102 -4.15 18.17 -19.43
N GLY A 103 -5.08 18.47 -18.52
CA GLY A 103 -6.48 18.64 -18.89
C GLY A 103 -7.24 17.37 -19.23
N THR A 104 -6.52 16.29 -19.54
CA THR A 104 -7.16 15.04 -19.92
C THR A 104 -7.40 14.03 -18.80
N ILE A 105 -6.89 14.30 -17.61
CA ILE A 105 -7.07 13.37 -16.50
C ILE A 105 -8.47 13.54 -15.92
N GLN A 106 -9.28 12.50 -16.11
CA GLN A 106 -10.67 12.46 -15.67
C GLN A 106 -10.85 11.93 -14.23
N HIS A 107 -9.86 11.20 -13.72
CA HIS A 107 -9.95 10.59 -12.40
C HIS A 107 -8.55 10.38 -11.86
N TYR A 108 -8.23 11.03 -10.75
CA TYR A 108 -6.90 10.96 -10.16
C TYR A 108 -6.97 10.23 -8.82
N ILE A 109 -6.35 9.06 -8.75
CA ILE A 109 -6.35 8.29 -7.50
C ILE A 109 -5.00 8.49 -6.82
N TYR A 110 -5.04 8.99 -5.59
CA TYR A 110 -3.82 9.22 -4.83
C TYR A 110 -3.81 8.28 -3.63
N SER A 111 -2.68 7.61 -3.44
CA SER A 111 -2.51 6.67 -2.33
C SER A 111 -2.09 7.49 -1.11
N SER A 112 -3.04 7.66 -0.19
CA SER A 112 -2.83 8.47 1.00
C SER A 112 -2.72 7.68 2.30
N MET A 113 -2.36 8.37 3.38
CA MET A 113 -2.26 7.74 4.68
C MET A 113 -2.67 8.79 5.71
N PRO A 114 -3.00 8.36 6.95
CA PRO A 114 -3.41 9.29 8.01
C PRO A 114 -2.31 10.08 8.69
N ASP A 115 -2.72 11.17 9.33
CA ASP A 115 -1.85 12.00 10.14
C ASP A 115 -2.51 11.75 11.51
N HIS A 116 -1.94 10.81 12.27
CA HIS A 116 -2.51 10.44 13.57
C HIS A 116 -2.62 11.57 14.59
N SER A 117 -1.76 12.58 14.46
CA SER A 117 -1.76 13.70 15.40
C SER A 117 -3.02 14.54 15.33
N LEU A 118 -3.89 14.25 14.37
CA LEU A 118 -5.15 14.99 14.20
C LEU A 118 -6.31 14.33 14.92
N TYR A 119 -6.09 13.12 15.43
CA TYR A 119 -7.17 12.38 16.07
C TYR A 119 -6.95 11.96 17.53
N GLY A 120 -5.83 12.35 18.11
CA GLY A 120 -5.57 11.99 19.49
C GLY A 120 -4.24 12.51 19.98
N PRO A 121 -3.87 12.20 21.23
CA PRO A 121 -2.59 12.66 21.79
C PRO A 121 -1.46 11.83 21.22
N TRP A 122 -1.52 11.62 19.91
CA TRP A 122 -0.52 10.80 19.23
C TRP A 122 0.34 11.57 18.24
N PRO A 123 1.56 11.06 17.98
CA PRO A 123 2.48 11.69 17.04
C PRO A 123 2.09 11.30 15.63
N ALA A 124 2.45 12.14 14.67
CA ALA A 124 2.16 11.84 13.29
C ALA A 124 3.24 10.84 12.87
N VAL A 125 2.83 9.78 12.18
CA VAL A 125 3.80 8.79 11.71
C VAL A 125 4.44 9.48 10.50
N PRO A 126 5.74 9.79 10.59
CA PRO A 126 6.57 10.46 9.59
C PRO A 126 6.44 10.13 8.10
N MET A 127 6.25 8.87 7.75
CA MET A 127 6.10 8.53 6.34
C MET A 127 4.64 8.44 5.91
N TRP A 128 3.73 8.79 6.81
CA TRP A 128 2.30 8.75 6.49
C TRP A 128 1.69 10.13 6.43
N ALA A 129 1.88 10.91 7.49
CA ALA A 129 1.30 12.25 7.58
C ALA A 129 1.52 13.12 6.34
N PRO A 130 2.73 13.11 5.75
CA PRO A 130 3.01 13.92 4.56
C PRO A 130 2.00 13.65 3.43
N LYS A 131 1.59 12.39 3.27
CA LYS A 131 0.63 11.99 2.24
C LYS A 131 -0.73 12.65 2.44
N PHE A 132 -1.11 12.85 3.70
CA PHE A 132 -2.41 13.47 3.96
C PHE A 132 -2.36 14.93 3.55
N THR A 133 -1.18 15.53 3.64
CA THR A 133 -1.02 16.93 3.24
C THR A 133 -1.26 17.02 1.73
N VAL A 134 -0.71 16.06 0.99
CA VAL A 134 -0.86 16.02 -0.45
C VAL A 134 -2.34 15.79 -0.80
N GLU A 135 -3.00 14.92 -0.04
CA GLU A 135 -4.42 14.65 -0.26
C GLU A 135 -5.24 15.95 -0.17
N ASN A 136 -5.02 16.72 0.89
CA ASN A 136 -5.73 17.98 1.08
C ASN A 136 -5.50 18.92 -0.11
N TYR A 137 -4.26 18.92 -0.60
CA TYR A 137 -3.92 19.76 -1.74
C TYR A 137 -4.63 19.26 -3.00
N VAL A 138 -4.62 17.95 -3.21
CA VAL A 138 -5.26 17.37 -4.39
C VAL A 138 -6.77 17.67 -4.40
N ARG A 139 -7.39 17.58 -3.24
CA ARG A 139 -8.82 17.84 -3.08
C ARG A 139 -9.26 19.22 -3.60
N GLN A 140 -8.35 20.18 -3.60
CA GLN A 140 -8.68 21.53 -4.04
C GLN A 140 -8.45 21.78 -5.52
N LEU A 141 -7.99 20.76 -6.23
CA LEU A 141 -7.75 20.91 -7.66
C LEU A 141 -9.06 20.58 -8.37
N GLY A 142 -9.28 21.19 -9.53
CA GLY A 142 -10.52 20.95 -10.24
C GLY A 142 -10.79 19.58 -10.83
N LEU A 143 -9.84 18.66 -10.77
CA LEU A 143 -10.05 17.33 -11.33
C LEU A 143 -10.59 16.35 -10.29
N PRO A 144 -11.46 15.42 -10.73
CA PRO A 144 -12.01 14.45 -9.78
C PRO A 144 -10.88 13.61 -9.19
N SER A 145 -10.90 13.40 -7.88
CA SER A 145 -9.86 12.62 -7.23
C SER A 145 -10.44 11.68 -6.18
N THR A 146 -9.75 10.58 -5.93
CA THR A 146 -10.17 9.59 -4.95
C THR A 146 -8.93 9.22 -4.19
N PHE A 147 -9.09 8.93 -2.89
CA PHE A 147 -7.93 8.60 -2.06
C PHE A 147 -8.02 7.21 -1.45
N VAL A 148 -7.02 6.38 -1.72
CA VAL A 148 -7.00 5.04 -1.18
C VAL A 148 -5.99 4.92 -0.07
N TYR A 149 -6.40 4.22 0.99
CA TYR A 149 -5.58 4.00 2.17
C TYR A 149 -5.23 2.53 2.22
N ALA A 150 -3.96 2.20 1.98
CA ALA A 150 -3.51 0.81 1.95
C ALA A 150 -3.34 0.19 3.33
N GLY A 151 -3.85 -1.03 3.48
CA GLY A 151 -3.70 -1.74 4.73
C GLY A 151 -2.29 -2.30 4.77
N ILE A 152 -1.94 -2.96 5.85
CA ILE A 152 -0.60 -3.54 5.98
C ILE A 152 -0.43 -4.67 4.95
N TYR A 153 0.68 -4.67 4.23
CA TYR A 153 0.93 -5.68 3.21
C TYR A 153 1.16 -7.07 3.81
N ASN A 154 0.40 -8.04 3.34
CA ASN A 154 0.57 -9.39 3.82
C ASN A 154 2.01 -9.81 3.57
N ASN A 155 2.55 -9.44 2.43
CA ASN A 155 3.90 -9.89 2.11
C ASN A 155 5.04 -9.08 2.69
N ASN A 156 4.75 -8.36 3.76
CA ASN A 156 5.79 -7.66 4.48
C ASN A 156 6.49 -8.76 5.26
N PHE A 157 5.75 -9.82 5.56
CA PHE A 157 6.30 -10.92 6.35
C PHE A 157 7.43 -11.67 5.66
N THR A 158 8.50 -11.87 6.42
CA THR A 158 9.68 -12.57 5.94
C THR A 158 10.45 -13.08 7.15
N SER A 159 11.24 -14.12 6.99
CA SER A 159 12.03 -14.61 8.11
C SER A 159 13.40 -13.92 8.11
N LEU A 160 13.66 -13.08 7.10
CA LEU A 160 14.91 -12.31 7.07
C LEU A 160 14.78 -11.36 8.26
N PRO A 161 15.91 -10.97 8.88
CA PRO A 161 15.92 -10.07 10.04
C PRO A 161 15.55 -8.61 9.81
N TYR A 162 14.45 -8.39 9.10
CA TYR A 162 14.01 -7.03 8.82
C TYR A 162 13.02 -6.57 9.89
N PRO A 163 13.00 -5.26 10.19
CA PRO A 163 12.10 -4.75 11.22
C PRO A 163 10.59 -4.92 11.09
N LEU A 164 9.96 -4.98 12.25
CA LEU A 164 8.52 -5.04 12.42
C LEU A 164 7.70 -6.23 11.95
N PHE A 165 7.99 -6.76 10.76
CA PHE A 165 7.21 -7.89 10.25
C PHE A 165 8.05 -9.13 10.03
N GLN A 166 8.89 -9.46 10.99
CA GLN A 166 9.69 -10.66 10.86
C GLN A 166 9.03 -11.89 11.47
N MET A 167 8.84 -12.91 10.63
CA MET A 167 8.32 -14.20 11.08
C MET A 167 9.62 -14.95 11.39
N GLU A 168 10.14 -14.74 12.58
CA GLU A 168 11.39 -15.36 12.99
C GLU A 168 11.30 -16.87 13.13
N LEU A 169 12.19 -17.57 12.41
CA LEU A 169 12.26 -19.02 12.47
C LEU A 169 13.13 -19.33 13.67
N MET A 170 12.58 -20.08 14.62
CA MET A 170 13.32 -20.42 15.83
C MET A 170 14.07 -21.73 15.62
N PRO A 171 15.03 -22.02 16.50
CA PRO A 171 15.85 -23.24 16.42
C PRO A 171 15.04 -24.53 16.32
N ASP A 172 13.88 -24.57 16.96
CA ASP A 172 13.06 -25.78 16.92
C ASP A 172 12.12 -25.86 15.73
N GLY A 173 12.27 -24.93 14.79
CA GLY A 173 11.42 -24.95 13.61
C GLY A 173 10.09 -24.21 13.76
N THR A 174 9.88 -23.59 14.92
CA THR A 174 8.66 -22.85 15.16
C THR A 174 8.87 -21.40 14.72
N PHE A 175 7.78 -20.65 14.56
CA PHE A 175 7.87 -19.26 14.14
C PHE A 175 7.31 -18.32 15.22
N GLU A 176 7.95 -17.17 15.36
CA GLU A 176 7.52 -16.16 16.31
C GLU A 176 7.53 -14.80 15.62
N TRP A 177 6.47 -14.03 15.83
CA TRP A 177 6.39 -12.69 15.28
C TRP A 177 6.40 -11.74 16.48
N HIS A 178 7.41 -10.88 16.55
CA HIS A 178 7.51 -9.92 17.65
C HIS A 178 7.25 -8.51 17.13
N ALA A 179 6.31 -7.80 17.76
CA ALA A 179 5.97 -6.43 17.37
C ALA A 179 5.32 -5.67 18.53
N PRO A 180 5.29 -4.32 18.46
CA PRO A 180 4.69 -3.46 19.49
C PRO A 180 3.17 -3.46 19.50
N PHE A 181 2.55 -3.93 18.41
CA PHE A 181 1.09 -3.96 18.31
C PHE A 181 0.47 -4.77 19.43
N ASP A 182 -0.72 -4.35 19.86
CA ASP A 182 -1.43 -5.07 20.90
C ASP A 182 -1.83 -6.43 20.33
N PRO A 183 -1.60 -7.51 21.08
CA PRO A 183 -1.94 -8.85 20.61
C PRO A 183 -3.35 -9.04 20.09
N ASP A 184 -4.32 -8.31 20.65
CA ASP A 184 -5.70 -8.54 20.27
C ASP A 184 -6.46 -7.50 19.46
N ILE A 185 -5.84 -6.36 19.20
CA ILE A 185 -6.50 -5.31 18.42
C ILE A 185 -6.38 -5.64 16.93
N PRO A 186 -7.52 -5.76 16.23
CA PRO A 186 -7.50 -6.08 14.79
C PRO A 186 -6.80 -5.01 13.95
N LEU A 187 -5.93 -5.45 13.03
CA LEU A 187 -5.20 -4.55 12.15
C LEU A 187 -5.71 -4.77 10.73
N PRO A 188 -5.59 -3.75 9.88
CA PRO A 188 -6.05 -3.89 8.50
C PRO A 188 -4.96 -4.50 7.60
N TRP A 189 -5.29 -5.58 6.91
CA TRP A 189 -4.32 -6.25 6.04
C TRP A 189 -4.66 -6.15 4.55
N LEU A 190 -3.67 -6.42 3.72
CA LEU A 190 -3.85 -6.32 2.28
C LEU A 190 -2.88 -7.19 1.47
N ASP A 191 -3.42 -7.96 0.53
CA ASP A 191 -2.60 -8.77 -0.37
C ASP A 191 -2.38 -7.80 -1.53
N ALA A 192 -1.30 -7.03 -1.46
CA ALA A 192 -0.99 -6.04 -2.49
C ALA A 192 -0.87 -6.58 -3.90
N GLU A 193 -0.03 -7.60 -4.07
CA GLU A 193 0.21 -8.19 -5.36
C GLU A 193 -1.06 -8.59 -6.11
N HIS A 194 -1.96 -9.28 -5.44
CA HIS A 194 -3.17 -9.73 -6.10
C HIS A 194 -4.38 -8.83 -6.04
N ASP A 195 -4.56 -8.13 -4.93
CA ASP A 195 -5.76 -7.34 -4.75
C ASP A 195 -5.79 -5.84 -4.97
N VAL A 196 -4.64 -5.18 -4.94
CA VAL A 196 -4.65 -3.73 -5.16
C VAL A 196 -5.08 -3.40 -6.59
N GLY A 197 -4.46 -4.05 -7.56
CA GLY A 197 -4.77 -3.81 -8.96
C GLY A 197 -6.24 -3.89 -9.31
N PRO A 198 -6.90 -5.03 -9.05
CA PRO A 198 -8.33 -5.19 -9.37
C PRO A 198 -9.21 -4.16 -8.65
N ALA A 199 -8.87 -3.81 -7.41
CA ALA A 199 -9.65 -2.84 -6.67
C ALA A 199 -9.54 -1.46 -7.29
N LEU A 200 -8.32 -1.06 -7.66
CA LEU A 200 -8.10 0.25 -8.29
C LEU A 200 -8.82 0.32 -9.64
N LEU A 201 -8.78 -0.77 -10.40
CA LEU A 201 -9.46 -0.75 -11.68
C LEU A 201 -10.96 -0.56 -11.50
N GLN A 202 -11.53 -1.15 -10.45
CA GLN A 202 -12.98 -1.00 -10.24
C GLN A 202 -13.33 0.44 -9.89
N ILE A 203 -12.42 1.10 -9.17
CA ILE A 203 -12.66 2.50 -8.84
C ILE A 203 -12.70 3.26 -10.17
N PHE A 204 -11.74 2.96 -11.05
CA PHE A 204 -11.70 3.60 -12.35
C PHE A 204 -12.94 3.28 -13.19
N LYS A 205 -13.41 2.04 -13.13
CA LYS A 205 -14.58 1.64 -13.90
C LYS A 205 -15.84 2.30 -13.36
N ASP A 206 -15.95 2.39 -12.03
CA ASP A 206 -17.12 3.02 -11.40
C ASP A 206 -17.21 4.48 -11.85
N GLY A 207 -16.06 5.14 -11.95
CA GLY A 207 -16.02 6.52 -12.41
C GLY A 207 -15.90 7.58 -11.35
N PRO A 208 -15.56 8.82 -11.75
CA PRO A 208 -15.39 9.98 -10.86
C PRO A 208 -16.66 10.50 -10.16
N GLN A 209 -17.81 10.39 -10.80
CA GLN A 209 -19.03 10.86 -10.17
C GLN A 209 -19.33 10.07 -8.91
N LYS A 210 -19.04 8.78 -8.95
CA LYS A 210 -19.29 7.94 -7.79
C LYS A 210 -18.23 8.11 -6.71
N TRP A 211 -16.96 8.24 -7.11
CA TRP A 211 -15.88 8.31 -6.14
C TRP A 211 -15.13 9.62 -5.86
N ASN A 212 -15.50 10.72 -6.53
CA ASN A 212 -14.80 11.99 -6.31
C ASN A 212 -14.93 12.45 -4.86
N GLY A 213 -13.78 12.76 -4.24
CA GLY A 213 -13.74 13.22 -2.87
C GLY A 213 -13.75 12.14 -1.80
N HIS A 214 -13.89 10.89 -2.23
CA HIS A 214 -13.95 9.76 -1.30
C HIS A 214 -12.61 9.21 -0.82
N ARG A 215 -12.64 8.62 0.38
CA ARG A 215 -11.49 7.95 0.97
C ARG A 215 -11.94 6.49 1.00
N ILE A 216 -11.09 5.60 0.50
CA ILE A 216 -11.39 4.18 0.47
C ILE A 216 -10.27 3.42 1.17
N ALA A 217 -10.63 2.56 2.12
CA ALA A 217 -9.62 1.78 2.81
C ALA A 217 -9.38 0.53 1.97
N LEU A 218 -8.18 0.41 1.42
CA LEU A 218 -7.83 -0.76 0.61
C LEU A 218 -7.36 -1.86 1.56
N THR A 219 -8.33 -2.52 2.19
CA THR A 219 -8.07 -3.60 3.12
C THR A 219 -9.25 -4.56 2.99
N PHE A 220 -8.94 -5.84 2.86
CA PHE A 220 -10.00 -6.83 2.67
C PHE A 220 -10.18 -7.74 3.88
N GLU A 221 -9.28 -7.62 4.85
CA GLU A 221 -9.33 -8.48 6.01
C GLU A 221 -8.71 -7.78 7.21
N THR A 222 -9.36 -7.90 8.37
CA THR A 222 -8.80 -7.33 9.57
C THR A 222 -8.48 -8.55 10.45
N LEU A 223 -7.30 -8.53 11.05
CA LEU A 223 -6.86 -9.64 11.90
C LEU A 223 -5.96 -9.07 12.99
N SER A 224 -6.12 -9.55 14.21
CA SER A 224 -5.26 -9.11 15.30
C SER A 224 -3.95 -9.85 15.09
N PRO A 225 -2.86 -9.42 15.74
CA PRO A 225 -1.58 -10.14 15.56
C PRO A 225 -1.69 -11.62 15.93
N VAL A 226 -2.46 -11.90 16.98
CA VAL A 226 -2.65 -13.27 17.40
C VAL A 226 -3.36 -14.06 16.31
N GLN A 227 -4.38 -13.46 15.68
CA GLN A 227 -5.10 -14.13 14.60
C GLN A 227 -4.21 -14.33 13.36
N VAL A 228 -3.33 -13.37 13.07
CA VAL A 228 -2.42 -13.49 11.93
C VAL A 228 -1.56 -14.73 12.15
N CYS A 229 -0.97 -14.84 13.35
CA CYS A 229 -0.13 -15.98 13.68
C CYS A 229 -0.91 -17.30 13.63
N ALA A 230 -2.19 -17.26 13.98
CA ALA A 230 -3.01 -18.46 13.92
C ALA A 230 -3.19 -18.84 12.45
N ALA A 231 -3.26 -17.83 11.58
CA ALA A 231 -3.43 -18.07 10.15
C ALA A 231 -2.16 -18.74 9.60
N PHE A 232 -1.00 -18.23 10.00
CA PHE A 232 0.26 -18.83 9.55
C PHE A 232 0.39 -20.26 10.09
N SER A 233 -0.02 -20.45 11.35
CA SER A 233 0.05 -21.76 11.98
C SER A 233 -0.79 -22.78 11.22
N ARG A 234 -2.02 -22.43 10.86
CA ARG A 234 -2.90 -23.33 10.12
C ARG A 234 -2.35 -23.57 8.72
N ALA A 235 -1.81 -22.51 8.12
CA ALA A 235 -1.26 -22.58 6.77
C ALA A 235 -0.02 -23.48 6.65
N LEU A 236 0.92 -23.29 7.57
CA LEU A 236 2.19 -24.00 7.55
C LEU A 236 2.26 -25.28 8.41
N ASN A 237 1.24 -25.52 9.22
CA ASN A 237 1.24 -26.70 10.08
C ASN A 237 2.44 -26.65 11.00
N ARG A 238 2.71 -25.46 11.52
CA ARG A 238 3.81 -25.20 12.43
C ARG A 238 3.31 -24.32 13.56
N ARG A 239 4.04 -24.31 14.66
CA ARG A 239 3.67 -23.47 15.79
C ARG A 239 4.13 -22.05 15.44
N VAL A 240 3.19 -21.11 15.45
CA VAL A 240 3.51 -19.72 15.15
C VAL A 240 2.87 -18.89 16.25
N THR A 241 3.65 -18.10 16.96
CA THR A 241 3.09 -17.32 18.04
C THR A 241 3.52 -15.85 18.07
N TYR A 242 2.60 -15.00 18.50
CA TYR A 242 2.86 -13.57 18.59
C TYR A 242 3.40 -13.15 19.96
N VAL A 243 4.38 -12.25 19.96
CA VAL A 243 4.95 -11.76 21.20
C VAL A 243 4.98 -10.24 21.17
N GLN A 244 4.24 -9.60 22.08
CA GLN A 244 4.27 -8.15 22.09
C GLN A 244 5.53 -7.62 22.74
N VAL A 245 6.23 -6.73 22.04
CA VAL A 245 7.46 -6.13 22.56
C VAL A 245 7.31 -4.61 22.53
N PRO A 246 7.79 -3.93 23.58
CA PRO A 246 7.71 -2.48 23.70
C PRO A 246 8.41 -1.76 22.55
N LYS A 247 9.59 -2.24 22.19
CA LYS A 247 10.35 -1.65 21.11
C LYS A 247 10.46 -2.58 19.91
N VAL A 248 10.48 -1.99 18.71
CA VAL A 248 10.63 -2.79 17.51
C VAL A 248 12.05 -3.34 17.56
N GLU A 249 12.20 -4.63 17.29
CA GLU A 249 13.52 -5.24 17.28
C GLU A 249 14.16 -4.85 15.94
N ILE A 250 15.20 -4.02 16.00
CA ILE A 250 15.90 -3.59 14.78
C ILE A 250 17.21 -4.35 14.75
N LYS A 251 17.21 -5.41 13.95
CA LYS A 251 18.34 -6.32 13.82
C LYS A 251 19.31 -6.02 12.68
N VAL A 252 18.93 -5.08 11.82
CA VAL A 252 19.77 -4.71 10.68
C VAL A 252 19.83 -3.19 10.59
N ASN A 253 20.81 -2.69 9.86
CA ASN A 253 20.94 -1.25 9.66
C ASN A 253 19.78 -0.81 8.77
N ILE A 254 19.27 0.39 9.04
CA ILE A 254 18.15 0.98 8.29
C ILE A 254 18.38 2.48 8.13
N PRO A 255 17.88 3.07 7.04
CA PRO A 255 18.09 4.51 6.90
C PRO A 255 17.41 5.26 8.04
N VAL A 256 17.99 6.38 8.44
CA VAL A 256 17.48 7.20 9.54
C VAL A 256 15.97 7.48 9.48
N GLY A 257 15.48 7.74 8.26
CA GLY A 257 14.07 8.04 8.10
C GLY A 257 13.18 6.88 8.52
N TYR A 258 13.59 5.65 8.25
CA TYR A 258 12.79 4.50 8.62
C TYR A 258 12.80 4.30 10.14
N ARG A 259 13.95 4.51 10.77
CA ARG A 259 14.03 4.38 12.21
C ARG A 259 13.02 5.30 12.90
N GLU A 260 12.93 6.53 12.40
CA GLU A 260 12.00 7.51 12.97
C GLU A 260 10.57 7.05 12.72
N GLN A 261 10.35 6.39 11.59
CA GLN A 261 9.03 5.86 11.26
C GLN A 261 8.67 4.80 12.30
N LEU A 262 9.62 3.89 12.58
CA LEU A 262 9.41 2.81 13.55
C LEU A 262 9.19 3.31 14.98
N GLU A 263 9.90 4.36 15.37
CA GLU A 263 9.76 4.91 16.72
C GLU A 263 8.37 5.52 16.89
N ALA A 264 7.84 6.13 15.83
CA ALA A 264 6.52 6.73 15.88
C ALA A 264 5.50 5.60 16.02
N ILE A 265 5.76 4.50 15.32
CA ILE A 265 4.88 3.34 15.39
C ILE A 265 4.87 2.77 16.82
N GLU A 266 6.03 2.73 17.47
CA GLU A 266 6.11 2.23 18.85
C GLU A 266 5.22 3.06 19.78
N VAL A 267 5.23 4.38 19.56
CA VAL A 267 4.42 5.29 20.36
C VAL A 267 2.93 5.14 20.03
N VAL A 268 2.60 5.19 18.75
CA VAL A 268 1.21 5.11 18.32
C VAL A 268 0.48 3.79 18.58
N PHE A 269 1.12 2.67 18.25
CA PHE A 269 0.49 1.36 18.42
C PHE A 269 0.97 0.62 19.66
N GLY A 270 2.20 0.89 20.07
CA GLY A 270 2.76 0.23 21.24
C GLY A 270 2.24 0.87 22.52
N GLU A 271 2.55 2.14 22.69
CA GLU A 271 2.13 2.88 23.87
C GLU A 271 0.64 3.24 23.91
N HIS A 272 0.14 3.79 22.81
CA HIS A 272 -1.25 4.24 22.73
C HIS A 272 -2.31 3.32 22.17
N LYS A 273 -1.93 2.23 21.51
CA LYS A 273 -2.92 1.32 20.92
C LYS A 273 -3.94 2.08 20.06
N ALA A 274 -3.46 3.03 19.27
CA ALA A 274 -4.34 3.80 18.39
C ALA A 274 -4.68 3.00 17.14
N PRO A 275 -5.82 3.30 16.49
CA PRO A 275 -6.19 2.56 15.29
C PRO A 275 -5.24 2.87 14.12
N TYR A 276 -5.08 1.87 13.26
CA TYR A 276 -4.22 2.00 12.10
C TYR A 276 -4.79 3.12 11.23
N PHE A 277 -6.10 3.08 11.00
CA PHE A 277 -6.82 4.09 10.23
C PHE A 277 -7.69 4.83 11.26
N PRO A 278 -7.18 5.95 11.81
CA PRO A 278 -7.84 6.78 12.82
C PRO A 278 -8.89 7.79 12.36
N LEU A 279 -9.14 7.87 11.05
CA LEU A 279 -10.16 8.80 10.58
C LEU A 279 -11.51 8.28 11.06
N PRO A 280 -12.39 9.18 11.53
CA PRO A 280 -13.70 8.76 12.01
C PRO A 280 -14.50 7.87 11.06
N GLU A 281 -14.37 8.09 9.76
CA GLU A 281 -15.11 7.27 8.80
C GLU A 281 -14.60 5.83 8.73
N PHE A 282 -13.43 5.58 9.29
CA PHE A 282 -12.87 4.23 9.27
C PHE A 282 -13.10 3.51 10.59
N SER A 283 -13.94 4.12 11.43
CA SER A 283 -14.35 3.62 12.75
C SER A 283 -14.35 4.74 13.78
N PRO A 309 -31.07 -0.92 16.87
CA PRO A 309 -32.40 -1.15 16.30
C PRO A 309 -32.40 -2.32 15.31
N GLY A 310 -33.57 -2.94 15.12
CA GLY A 310 -33.65 -4.06 14.20
C GLY A 310 -33.33 -3.66 12.78
N GLY A 311 -32.46 -4.42 12.13
CA GLY A 311 -32.09 -4.12 10.75
C GLY A 311 -30.91 -3.18 10.58
N VAL A 312 -30.53 -2.48 11.64
CA VAL A 312 -29.40 -1.55 11.58
C VAL A 312 -28.08 -2.32 11.44
N ILE A 313 -27.26 -1.90 10.50
CA ILE A 313 -25.98 -2.54 10.23
C ILE A 313 -24.92 -1.48 9.96
N SER A 314 -23.89 -1.44 10.79
CA SER A 314 -22.81 -0.46 10.60
C SER A 314 -21.75 -0.97 9.62
N GLN A 315 -21.28 -0.06 8.77
CA GLN A 315 -20.27 -0.36 7.75
C GLN A 315 -18.94 -0.77 8.38
N ARG A 316 -18.39 -1.91 7.94
CA ARG A 316 -17.09 -2.37 8.44
C ARG A 316 -16.02 -1.79 7.52
N VAL A 317 -14.82 -1.57 8.05
CA VAL A 317 -13.75 -0.97 7.28
C VAL A 317 -13.42 -1.69 5.97
N THR A 318 -13.73 -2.98 5.90
CA THR A 318 -13.46 -3.80 4.72
C THR A 318 -14.59 -3.86 3.68
N ASP A 319 -15.74 -3.28 4.00
CA ASP A 319 -16.89 -3.32 3.09
C ASP A 319 -16.69 -2.79 1.67
N GLU A 320 -16.24 -1.54 1.54
CA GLU A 320 -16.09 -0.97 0.19
C GLU A 320 -15.07 -1.72 -0.66
N ALA A 321 -13.94 -2.06 -0.04
CA ALA A 321 -12.89 -2.78 -0.76
C ALA A 321 -13.43 -4.11 -1.28
N ARG A 322 -14.10 -4.87 -0.43
CA ARG A 322 -14.66 -6.15 -0.85
C ARG A 322 -15.71 -5.97 -1.94
N LYS A 323 -16.42 -4.85 -1.94
CA LYS A 323 -17.41 -4.62 -2.97
C LYS A 323 -16.69 -4.33 -4.31
N LEU A 324 -15.55 -3.65 -4.23
CA LEU A 324 -14.76 -3.33 -5.42
C LEU A 324 -14.17 -4.58 -6.04
N TRP A 325 -13.67 -5.48 -5.20
CA TRP A 325 -13.02 -6.70 -5.67
C TRP A 325 -13.38 -7.87 -4.76
N SER A 326 -14.28 -8.73 -5.25
CA SER A 326 -14.76 -9.87 -4.47
C SER A 326 -13.81 -11.06 -4.45
N GLY A 327 -12.80 -11.05 -5.31
CA GLY A 327 -11.87 -12.17 -5.37
C GLY A 327 -10.62 -12.02 -4.54
N TRP A 328 -10.71 -11.21 -3.49
CA TRP A 328 -9.57 -10.97 -2.60
C TRP A 328 -9.08 -12.24 -1.89
N ARG A 329 -7.80 -12.25 -1.53
CA ARG A 329 -7.16 -13.39 -0.85
C ARG A 329 -6.82 -13.06 0.60
N ASP A 330 -6.96 -14.04 1.49
CA ASP A 330 -6.68 -13.80 2.90
C ASP A 330 -5.27 -14.16 3.34
N MET A 331 -4.97 -13.90 4.61
CA MET A 331 -3.66 -14.16 5.19
C MET A 331 -3.31 -15.65 5.16
N GLU A 332 -4.28 -16.51 5.41
CA GLU A 332 -4.03 -17.95 5.39
C GLU A 332 -3.56 -18.39 4.00
N GLU A 333 -4.16 -17.85 2.94
CA GLU A 333 -3.77 -18.20 1.58
C GLU A 333 -2.35 -17.71 1.31
N TYR A 334 -2.04 -16.51 1.78
CA TYR A 334 -0.70 -15.99 1.57
C TYR A 334 0.35 -16.89 2.25
N ALA A 335 0.16 -17.15 3.53
CA ALA A 335 1.10 -17.95 4.30
C ALA A 335 1.34 -19.34 3.71
N ARG A 336 0.27 -19.95 3.22
CA ARG A 336 0.36 -21.30 2.65
C ARG A 336 0.83 -21.40 1.21
N GLU A 337 0.40 -20.45 0.38
CA GLU A 337 0.71 -20.52 -1.04
C GLU A 337 1.79 -19.62 -1.60
N VAL A 338 2.04 -18.48 -0.94
CA VAL A 338 3.02 -17.54 -1.46
C VAL A 338 4.25 -17.38 -0.57
N PHE A 339 4.04 -17.27 0.73
CA PHE A 339 5.11 -17.12 1.70
C PHE A 339 6.26 -18.13 1.52
N PRO A 340 5.94 -19.42 1.30
CA PRO A 340 7.01 -20.40 1.13
C PRO A 340 7.89 -20.13 -0.10
N ILE A 341 7.25 -19.65 -1.17
CA ILE A 341 7.94 -19.36 -2.42
C ILE A 341 8.80 -18.09 -2.28
N GLU A 342 8.24 -17.03 -1.69
CA GLU A 342 9.01 -15.79 -1.49
C GLU A 342 10.20 -16.06 -0.59
N GLU A 343 9.99 -16.88 0.42
CA GLU A 343 11.05 -17.25 1.35
C GLU A 343 12.15 -17.99 0.62
N GLU A 344 11.78 -19.02 -0.16
CA GLU A 344 12.79 -19.77 -0.91
C GLU A 344 13.52 -18.87 -1.92
N ALA A 345 12.78 -17.94 -2.51
CA ALA A 345 13.36 -16.99 -3.47
C ALA A 345 14.37 -16.07 -2.77
N ASN A 346 14.19 -15.85 -1.46
CA ASN A 346 15.13 -15.04 -0.68
C ASN A 346 16.30 -15.87 -0.15
N GLY A 347 16.30 -17.16 -0.47
CA GLY A 347 17.37 -18.03 -0.04
C GLY A 347 17.14 -18.79 1.24
N LEU A 348 15.95 -18.67 1.83
CA LEU A 348 15.68 -19.38 3.08
C LEU A 348 15.50 -20.88 2.80
N ASP A 349 15.71 -21.71 3.82
CA ASP A 349 15.65 -23.17 3.68
C ASP A 349 14.64 -23.95 4.53
N TRP A 350 13.99 -23.30 5.48
CA TRP A 350 13.06 -24.05 6.33
C TRP A 350 12.00 -24.86 5.56
N MET A 351 11.64 -24.43 4.36
CA MET A 351 10.62 -25.13 3.57
C MET A 351 11.21 -26.30 2.79
N LEU A 352 12.49 -26.55 3.03
CA LEU A 352 13.22 -27.65 2.39
C LEU A 352 13.37 -27.39 0.90
P PO4 B . 6.04 -0.33 -1.54
O1 PO4 B . 6.11 -1.54 -2.41
O2 PO4 B . 6.82 0.78 -2.16
O3 PO4 B . 4.62 0.10 -1.38
O4 PO4 B . 6.61 -0.65 -0.18
K K C . 6.29 -2.24 -23.35
K K D . -11.82 18.66 -6.43
CL CL E . -13.17 8.49 -15.96
CL CL F . 16.71 -13.12 13.50
CL CL G . 17.55 4.26 -16.80
CL CL H . 0.73 5.79 -24.03
K K I . -8.67 25.09 -7.55
K K J . -2.18 4.25 0.99
CL CL K . -11.27 2.84 -19.09
C1 GOL L . -11.18 -6.34 -11.79
O1 GOL L . -10.63 -5.64 -12.91
C2 GOL L . -12.40 -5.54 -11.24
O2 GOL L . -12.03 -4.17 -11.15
C3 GOL L . -12.84 -6.06 -9.83
O3 GOL L . -14.27 -6.01 -9.71
#